data_4TYM
#
_entry.id   4TYM
#
_cell.length_a   156.552
_cell.length_b   156.552
_cell.length_c   52.090
_cell.angle_alpha   90.000
_cell.angle_beta   90.000
_cell.angle_gamma   120.000
#
_symmetry.space_group_name_H-M   'P 63 2 2'
#
loop_
_entity.id
_entity.type
_entity.pdbx_description
1 polymer 'Purine nucleoside phosphorylase DeoD-type'
2 non-polymer 'SULFATE ION'
3 water water
#
_entity_poly.entity_id   1
_entity_poly.type   'polypeptide(L)'
_entity_poly.pdbx_seq_one_letter_code
;(MSE)HHHHHHSSGVDLGTENLYFQS(MSE)SIHIEAKQGEIADKILLPGDPLRAKFIAENFLEDAV(CSO)FNTVRN
(MSE)FGYTGTYKGHRVSV(MSE)GTG(MSE)G(MSE)PSISIYARELIVDYGVKTLIRVGTAGAINPDIHVRELVLAQA
AATNSNIIRNDWPEFDFPQIADFKLLDKAYHIAKE(MSE)DITTHVGSVLSSDVFYSNQPDRN(MSE)ALGKLGVHAIE
(MSE)EAAALYYLAAQHNVNALA(MSE)(MSE)TISDNLNNPEEDTSAEERQTTFTD(MSE)(MSE)KVGLETLISE
;
_entity_poly.pdbx_strand_id   A
#
loop_
_chem_comp.id
_chem_comp.type
_chem_comp.name
_chem_comp.formula
SO4 non-polymer 'SULFATE ION' 'O4 S -2'
#
# COMPACT_ATOMS: atom_id res chain seq x y z
N SER A 24 -18.36 -8.22 0.08
CA SER A 24 -19.79 -7.98 0.00
C SER A 24 -20.31 -7.03 1.11
N ILE A 25 -21.48 -6.44 0.83
CA ILE A 25 -22.05 -5.25 1.49
C ILE A 25 -21.34 -3.97 0.99
N HIS A 26 -20.01 -3.97 0.95
CA HIS A 26 -19.30 -2.83 0.36
C HIS A 26 -18.71 -3.13 -1.03
N ILE A 27 -18.76 -4.40 -1.44
CA ILE A 27 -18.25 -4.80 -2.74
C ILE A 27 -19.34 -5.61 -3.43
N GLU A 28 -19.77 -5.19 -4.61
CA GLU A 28 -20.89 -5.84 -5.29
C GLU A 28 -20.47 -7.05 -6.15
N ALA A 29 -19.18 -7.42 -6.10
CA ALA A 29 -18.68 -8.45 -7.01
C ALA A 29 -19.24 -9.85 -6.72
N LYS A 30 -19.51 -10.59 -7.79
CA LYS A 30 -19.87 -11.99 -7.68
C LYS A 30 -18.60 -12.82 -7.52
N GLN A 31 -18.73 -14.02 -6.99
CA GLN A 31 -17.59 -14.95 -6.88
C GLN A 31 -16.99 -15.21 -8.25
N GLY A 32 -15.66 -15.14 -8.35
CA GLY A 32 -15.00 -15.39 -9.61
C GLY A 32 -14.61 -14.13 -10.35
N GLU A 33 -15.08 -12.99 -9.85
CA GLU A 33 -14.80 -11.71 -10.49
C GLU A 33 -13.52 -11.09 -9.96
N ILE A 34 -13.05 -11.58 -8.80
CA ILE A 34 -11.86 -11.02 -8.17
C ILE A 34 -10.76 -12.05 -8.08
N ALA A 35 -9.58 -11.72 -8.59
CA ALA A 35 -8.42 -12.63 -8.54
C ALA A 35 -7.97 -12.79 -7.09
N ASP A 36 -7.17 -13.81 -6.80
CA ASP A 36 -6.74 -14.02 -5.42
C ASP A 36 -5.51 -13.19 -5.03
N LYS A 37 -5.09 -12.30 -5.93
CA LYS A 37 -3.97 -11.40 -5.67
C LYS A 37 -4.35 -10.01 -6.14
N ILE A 38 -4.22 -9.01 -5.26
CA ILE A 38 -4.75 -7.69 -5.60
C ILE A 38 -3.77 -6.54 -5.26
N LEU A 39 -3.73 -5.54 -6.14
CA LEU A 39 -3.05 -4.27 -5.85
C LEU A 39 -4.05 -3.31 -5.20
N LEU A 40 -3.62 -2.57 -4.18
CA LEU A 40 -4.55 -1.71 -3.43
C LEU A 40 -4.08 -0.25 -3.33
N PRO A 41 -4.30 0.56 -4.39
CA PRO A 41 -4.06 1.99 -4.20
C PRO A 41 -5.14 2.62 -3.29
N GLY A 42 -4.88 3.83 -2.79
CA GLY A 42 -5.88 4.51 -1.98
C GLY A 42 -6.98 5.10 -2.85
N ASP A 43 -6.59 5.57 -4.04
CA ASP A 43 -7.44 6.28 -4.98
C ASP A 43 -8.07 5.35 -6.02
N PRO A 44 -9.42 5.25 -6.03
CA PRO A 44 -10.14 4.47 -7.03
C PRO A 44 -9.77 4.85 -8.47
N LEU A 45 -9.43 6.13 -8.69
CA LEU A 45 -9.02 6.57 -10.00
C LEU A 45 -7.61 6.05 -10.34
N ARG A 46 -6.77 5.85 -9.33
CA ARG A 46 -5.47 5.23 -9.55
C ARG A 46 -5.67 3.78 -9.99
N ALA A 47 -6.61 3.09 -9.35
CA ALA A 47 -6.91 1.71 -9.73
C ALA A 47 -7.31 1.68 -11.19
N LYS A 48 -8.21 2.59 -11.56
CA LYS A 48 -8.66 2.69 -12.94
C LYS A 48 -7.48 2.92 -13.89
N PHE A 49 -6.50 3.69 -13.44
CA PHE A 49 -5.36 4.02 -14.26
C PHE A 49 -4.42 2.81 -14.45
N ILE A 50 -4.16 2.12 -13.34
CA ILE A 50 -3.42 0.87 -13.37
C ILE A 50 -4.10 -0.16 -14.28
N ALA A 51 -5.41 -0.29 -14.13
CA ALA A 51 -6.17 -1.26 -14.92
C ALA A 51 -6.06 -1.04 -16.42
N GLU A 52 -6.02 0.22 -16.84
CA GLU A 52 -6.03 0.56 -18.27
C GLU A 52 -4.63 0.61 -18.89
N ASN A 53 -3.59 0.57 -18.08
CA ASN A 53 -2.25 0.78 -18.60
C ASN A 53 -1.24 -0.29 -18.23
N PHE A 54 -1.56 -1.10 -17.23
CA PHE A 54 -0.63 -2.13 -16.78
C PHE A 54 -1.25 -3.51 -16.79
N LEU A 55 -2.58 -3.59 -16.94
CA LEU A 55 -3.23 -4.89 -17.07
C LEU A 55 -3.78 -5.03 -18.46
N GLU A 56 -4.02 -6.26 -18.86
CA GLU A 56 -4.66 -6.51 -20.14
C GLU A 56 -6.05 -7.09 -19.93
N ASP A 57 -6.99 -6.63 -20.76
CA ASP A 57 -8.37 -7.06 -20.73
C ASP A 57 -9.00 -6.85 -19.35
N ALA A 58 -8.71 -5.72 -18.74
CA ALA A 58 -9.25 -5.47 -17.41
C ALA A 58 -10.73 -5.06 -17.51
N VAL A 59 -11.53 -5.62 -16.61
CA VAL A 59 -12.94 -5.29 -16.56
C VAL A 59 -13.29 -4.93 -15.12
N CSO A 60 -14.28 -4.06 -14.95
CA CSO A 60 -14.68 -3.57 -13.67
CB CSO A 60 -15.61 -2.41 -13.90
SG CSO A 60 -16.04 -1.55 -12.43
C CSO A 60 -15.43 -4.57 -12.88
O CSO A 60 -16.24 -5.27 -13.44
OD CSO A 60 -15.21 -0.06 -12.51
N PHE A 61 -15.17 -4.67 -11.60
CA PHE A 61 -15.96 -5.57 -10.74
C PHE A 61 -16.68 -4.87 -9.58
N ASN A 62 -16.45 -3.57 -9.39
CA ASN A 62 -17.16 -2.83 -8.34
C ASN A 62 -17.32 -1.32 -8.59
N THR A 63 -18.52 -0.81 -8.33
CA THR A 63 -18.78 0.64 -8.43
C THR A 63 -19.37 1.17 -7.12
N VAL A 64 -19.64 0.28 -6.17
CA VAL A 64 -20.31 0.67 -4.93
C VAL A 64 -19.49 1.72 -4.18
N ARG A 65 -20.15 2.81 -3.78
CA ARG A 65 -19.48 3.95 -3.12
C ARG A 65 -18.34 4.53 -3.97
N ASN A 66 -18.43 4.32 -5.28
CA ASN A 66 -17.43 4.78 -6.26
C ASN A 66 -16.05 4.18 -6.08
N MSE A 67 -15.96 3.07 -5.36
CA MSE A 67 -14.68 2.42 -5.10
C MSE A 67 -14.32 1.43 -6.22
O MSE A 67 -14.43 0.21 -6.05
CB MSE A 67 -14.70 1.71 -3.76
CG MSE A 67 -13.33 1.57 -3.10
SE MSE A 67 -12.44 3.32 -2.84
CE MSE A 67 -13.85 4.26 -1.89
N PHE A 68 -13.91 1.97 -7.36
CA PHE A 68 -13.60 1.18 -8.57
C PHE A 68 -12.63 0.01 -8.31
N GLY A 69 -12.95 -1.16 -8.86
CA GLY A 69 -12.08 -2.32 -8.80
C GLY A 69 -12.09 -3.05 -10.15
N TYR A 70 -10.93 -3.59 -10.54
CA TYR A 70 -10.81 -4.22 -11.86
C TYR A 70 -10.08 -5.55 -11.75
N THR A 71 -10.43 -6.47 -12.62
CA THR A 71 -9.67 -7.70 -12.76
C THR A 71 -9.18 -7.82 -14.19
N GLY A 72 -7.89 -8.05 -14.33
CA GLY A 72 -7.30 -8.26 -15.64
C GLY A 72 -6.11 -9.20 -15.54
N THR A 73 -5.28 -9.18 -16.58
CA THR A 73 -4.15 -10.08 -16.68
C THR A 73 -2.81 -9.34 -16.69
N TYR A 74 -1.84 -9.87 -15.96
CA TYR A 74 -0.45 -9.39 -16.06
C TYR A 74 0.49 -10.57 -16.35
N LYS A 75 1.19 -10.51 -17.48
CA LYS A 75 2.06 -11.61 -17.91
C LYS A 75 1.34 -12.96 -17.81
N GLY A 76 0.08 -12.99 -18.25
CA GLY A 76 -0.73 -14.20 -18.18
C GLY A 76 -1.41 -14.47 -16.85
N HIS A 77 -1.06 -13.71 -15.81
CA HIS A 77 -1.60 -13.98 -14.48
C HIS A 77 -2.83 -13.14 -14.19
N ARG A 78 -3.83 -13.79 -13.65
CA ARG A 78 -5.04 -13.08 -13.27
C ARG A 78 -4.72 -12.23 -12.04
N VAL A 79 -4.98 -10.93 -12.16
CA VAL A 79 -4.65 -9.95 -11.14
C VAL A 79 -5.78 -8.94 -10.95
N SER A 80 -6.05 -8.55 -9.71
CA SER A 80 -7.02 -7.49 -9.49
C SER A 80 -6.40 -6.22 -8.92
N VAL A 81 -7.08 -5.11 -9.09
CA VAL A 81 -6.68 -3.84 -8.49
C VAL A 81 -7.94 -3.08 -8.08
N MSE A 82 -7.93 -2.47 -6.90
CA MSE A 82 -9.07 -1.65 -6.48
C MSE A 82 -8.66 -0.61 -5.45
O MSE A 82 -7.70 -0.81 -4.71
CB MSE A 82 -10.19 -2.53 -5.93
CG MSE A 82 -10.17 -2.77 -4.45
SE MSE A 82 -11.88 -3.51 -3.79
CE MSE A 82 -13.12 -2.21 -4.53
N GLY A 83 -9.37 0.52 -5.44
CA GLY A 83 -9.12 1.58 -4.47
C GLY A 83 -9.60 1.20 -3.07
N THR A 84 -9.07 1.86 -2.05
CA THR A 84 -9.43 1.49 -0.68
C THR A 84 -9.91 2.67 0.13
N GLY A 85 -9.91 3.86 -0.46
CA GLY A 85 -10.22 5.09 0.26
C GLY A 85 -9.11 5.37 1.25
N MSE A 86 -9.28 6.41 2.05
CA MSE A 86 -8.19 6.78 2.96
C MSE A 86 -8.45 6.44 4.42
O MSE A 86 -9.59 6.50 4.90
CB MSE A 86 -7.91 8.27 2.84
CG MSE A 86 -7.63 8.70 1.41
SE MSE A 86 -7.53 10.64 1.28
CE MSE A 86 -9.40 11.08 1.66
N GLY A 87 -7.39 6.09 5.11
CA GLY A 87 -7.46 5.85 6.54
C GLY A 87 -7.61 4.38 6.85
N MSE A 88 -7.25 4.01 8.07
CA MSE A 88 -7.22 2.61 8.43
C MSE A 88 -8.63 1.99 8.55
O MSE A 88 -8.81 0.84 8.15
CB MSE A 88 -6.42 2.45 9.71
CG MSE A 88 -4.94 2.72 9.48
SE MSE A 88 -3.84 2.76 11.12
CE MSE A 88 -4.40 1.03 11.85
N PRO A 89 -9.62 2.75 9.07
CA PRO A 89 -10.95 2.13 9.03
C PRO A 89 -11.41 1.76 7.62
N SER A 90 -11.15 2.63 6.65
CA SER A 90 -11.62 2.38 5.28
C SER A 90 -10.97 1.14 4.71
N ILE A 91 -9.65 1.08 4.71
CA ILE A 91 -8.98 -0.07 4.10
C ILE A 91 -9.31 -1.35 4.88
N SER A 92 -9.54 -1.21 6.19
CA SER A 92 -9.95 -2.36 7.00
C SER A 92 -11.23 -2.99 6.48
N ILE A 93 -12.22 -2.16 6.17
CA ILE A 93 -13.44 -2.66 5.58
C ILE A 93 -13.16 -3.45 4.28
N TYR A 94 -12.44 -2.85 3.32
CA TYR A 94 -12.26 -3.50 2.02
C TYR A 94 -11.34 -4.73 2.05
N ALA A 95 -10.21 -4.65 2.76
CA ALA A 95 -9.31 -5.80 2.86
C ALA A 95 -10.00 -6.99 3.55
N ARG A 96 -10.83 -6.71 4.54
CA ARG A 96 -11.51 -7.78 5.27
C ARG A 96 -12.45 -8.55 4.31
N GLU A 97 -13.22 -7.79 3.55
CA GLU A 97 -14.17 -8.40 2.59
C GLU A 97 -13.44 -9.15 1.47
N LEU A 98 -12.40 -8.53 0.91
CA LEU A 98 -11.56 -9.24 -0.07
C LEU A 98 -11.02 -10.55 0.49
N ILE A 99 -10.45 -10.52 1.69
CA ILE A 99 -9.87 -11.73 2.27
C ILE A 99 -10.91 -12.78 2.60
N VAL A 100 -11.96 -12.36 3.31
CA VAL A 100 -12.94 -13.29 3.88
C VAL A 100 -14.00 -13.74 2.88
N ASP A 101 -14.48 -12.82 2.04
CA ASP A 101 -15.58 -13.14 1.12
C ASP A 101 -15.12 -13.52 -0.29
N TYR A 102 -13.92 -13.10 -0.70
CA TYR A 102 -13.43 -13.45 -2.03
C TYR A 102 -12.12 -14.24 -2.03
N GLY A 103 -11.68 -14.67 -0.85
CA GLY A 103 -10.55 -15.58 -0.77
C GLY A 103 -9.24 -15.04 -1.31
N VAL A 104 -9.07 -13.72 -1.22
CA VAL A 104 -7.81 -13.10 -1.62
C VAL A 104 -6.67 -13.46 -0.63
N LYS A 105 -5.51 -13.82 -1.18
CA LYS A 105 -4.43 -14.38 -0.40
C LYS A 105 -3.17 -13.52 -0.41
N THR A 106 -3.02 -12.69 -1.44
CA THR A 106 -1.87 -11.81 -1.60
C THR A 106 -2.37 -10.37 -1.84
N LEU A 107 -2.01 -9.46 -0.95
CA LEU A 107 -2.47 -8.06 -1.07
C LEU A 107 -1.32 -7.07 -0.98
N ILE A 108 -1.18 -6.24 -2.02
CA ILE A 108 -0.12 -5.25 -2.00
C ILE A 108 -0.64 -3.83 -2.14
N ARG A 109 -0.42 -3.03 -1.11
CA ARG A 109 -0.73 -1.60 -1.17
C ARG A 109 0.35 -0.88 -1.95
N VAL A 110 -0.07 -0.10 -2.95
CA VAL A 110 0.83 0.79 -3.67
C VAL A 110 0.31 2.22 -3.54
N GLY A 111 1.16 3.10 -3.02
CA GLY A 111 0.67 4.41 -2.65
C GLY A 111 1.73 5.48 -2.56
N THR A 112 1.35 6.59 -1.94
CA THR A 112 2.26 7.70 -1.74
C THR A 112 2.42 7.91 -0.25
N ALA A 113 3.51 8.57 0.12
CA ALA A 113 3.72 8.92 1.49
C ALA A 113 4.60 10.16 1.56
N GLY A 114 4.61 10.82 2.71
CA GLY A 114 5.55 11.90 2.97
C GLY A 114 6.75 11.39 3.74
N ALA A 115 7.95 11.78 3.33
CA ALA A 115 9.17 11.36 4.01
C ALA A 115 9.41 12.16 5.30
N ILE A 116 9.76 11.48 6.39
CA ILE A 116 10.08 12.17 7.63
C ILE A 116 11.53 11.93 8.03
N ASN A 117 12.10 10.89 7.45
CA ASN A 117 13.53 10.62 7.57
C ASN A 117 14.27 11.51 6.58
N PRO A 118 15.10 12.45 7.08
CA PRO A 118 15.74 13.44 6.20
C PRO A 118 16.63 12.85 5.11
N ASP A 119 17.08 11.61 5.31
CA ASP A 119 17.93 10.94 4.32
C ASP A 119 17.09 10.38 3.16
N ILE A 120 15.77 10.58 3.25
CA ILE A 120 14.85 10.09 2.24
C ILE A 120 14.28 11.25 1.41
N HIS A 121 14.46 11.16 0.10
CA HIS A 121 14.09 12.25 -0.79
C HIS A 121 12.88 11.92 -1.66
N VAL A 122 12.38 12.93 -2.34
CA VAL A 122 11.15 12.78 -3.11
C VAL A 122 11.38 11.81 -4.29
N ARG A 123 10.31 11.07 -4.64
CA ARG A 123 10.28 10.05 -5.69
C ARG A 123 10.89 8.69 -5.29
N GLU A 124 11.65 8.65 -4.20
CA GLU A 124 12.28 7.39 -3.81
C GLU A 124 11.24 6.37 -3.37
N LEU A 125 11.63 5.10 -3.29
CA LEU A 125 10.70 4.02 -2.97
C LEU A 125 10.91 3.53 -1.54
N VAL A 126 9.80 3.40 -0.80
CA VAL A 126 9.88 2.83 0.53
C VAL A 126 9.08 1.53 0.59
N LEU A 127 9.71 0.48 1.10
CA LEU A 127 9.00 -0.78 1.40
C LEU A 127 8.83 -0.89 2.91
N ALA A 128 7.60 -1.14 3.36
CA ALA A 128 7.29 -1.11 4.79
C ALA A 128 7.50 -2.47 5.44
N GLN A 129 8.68 -2.65 6.03
CA GLN A 129 8.97 -3.83 6.83
C GLN A 129 7.97 -3.96 7.97
N ALA A 130 7.58 -2.81 8.52
CA ALA A 130 6.64 -2.75 9.62
C ALA A 130 5.89 -1.45 9.53
N ALA A 131 4.75 -1.36 10.20
CA ALA A 131 4.01 -0.10 10.20
C ALA A 131 3.73 0.39 11.62
N ALA A 132 4.35 1.50 12.02
CA ALA A 132 3.96 2.19 13.26
C ALA A 132 2.55 2.75 13.09
N THR A 133 1.89 3.07 14.20
CA THR A 133 0.58 3.72 14.07
C THR A 133 0.20 4.52 15.30
N ASN A 134 -0.61 5.56 15.13
CA ASN A 134 -1.18 6.26 16.28
C ASN A 134 -2.64 5.87 16.42
N SER A 135 -3.02 4.86 15.67
CA SER A 135 -4.38 4.37 15.74
C SER A 135 -4.56 3.54 16.99
N ASN A 136 -5.81 3.27 17.31
CA ASN A 136 -6.21 2.40 18.40
C ASN A 136 -6.67 0.99 17.98
N ILE A 137 -6.72 0.72 16.67
CA ILE A 137 -7.32 -0.53 16.19
C ILE A 137 -6.62 -1.76 16.77
N ILE A 138 -5.29 -1.76 16.76
CA ILE A 138 -4.57 -2.90 17.32
C ILE A 138 -4.54 -2.84 18.85
N ARG A 139 -4.23 -1.70 19.40
CA ARG A 139 -4.07 -1.57 20.83
C ARG A 139 -5.34 -1.91 21.59
N ASN A 140 -6.50 -1.60 21.05
CA ASN A 140 -7.77 -1.94 21.68
C ASN A 140 -7.97 -3.44 21.86
N ASP A 141 -7.48 -4.22 20.89
CA ASP A 141 -7.56 -5.68 20.93
C ASP A 141 -6.45 -6.30 21.79
N TRP A 142 -5.34 -5.59 21.89
CA TRP A 142 -4.14 -6.08 22.57
C TRP A 142 -3.57 -5.03 23.55
N PRO A 143 -4.35 -4.69 24.61
CA PRO A 143 -3.91 -3.62 25.51
C PRO A 143 -2.62 -3.93 26.24
N GLU A 144 -2.29 -5.20 26.46
CA GLU A 144 -1.06 -5.55 27.18
C GLU A 144 0.22 -5.33 26.36
N PHE A 145 0.08 -5.17 25.04
CA PHE A 145 1.25 -5.20 24.14
C PHE A 145 1.50 -3.97 23.26
N ASP A 146 2.77 -3.74 22.98
CA ASP A 146 3.20 -3.16 21.70
C ASP A 146 3.23 -4.29 20.68
N PHE A 147 2.23 -4.34 19.79
CA PHE A 147 2.06 -5.42 18.82
C PHE A 147 2.33 -4.88 17.40
N PRO A 148 3.59 -5.03 16.93
CA PRO A 148 4.04 -4.58 15.61
C PRO A 148 3.29 -5.23 14.46
N GLN A 149 2.88 -4.43 13.50
CA GLN A 149 2.26 -4.94 12.28
C GLN A 149 3.31 -5.01 11.18
N ILE A 150 3.52 -6.21 10.67
CA ILE A 150 4.62 -6.43 9.75
C ILE A 150 4.20 -6.93 8.36
N ALA A 151 5.04 -6.61 7.38
CA ALA A 151 4.90 -7.15 6.03
C ALA A 151 5.21 -8.62 6.03
N ASP A 152 4.60 -9.35 5.10
CA ASP A 152 5.03 -10.71 4.85
C ASP A 152 6.47 -10.65 4.37
N PHE A 153 7.38 -11.36 5.05
CA PHE A 153 8.81 -11.26 4.72
C PHE A 153 9.11 -11.63 3.29
N LYS A 154 8.64 -12.79 2.82
CA LYS A 154 8.95 -13.25 1.45
C LYS A 154 8.53 -12.23 0.39
N LEU A 155 7.37 -11.59 0.57
CA LEU A 155 6.94 -10.52 -0.33
C LEU A 155 7.94 -9.37 -0.29
N LEU A 156 8.23 -8.90 0.93
CA LEU A 156 9.16 -7.79 1.15
C LEU A 156 10.51 -8.04 0.52
N ASP A 157 10.98 -9.28 0.64
CA ASP A 157 12.28 -9.66 0.15
C ASP A 157 12.27 -9.75 -1.38
N LYS A 158 11.17 -10.25 -1.95
CA LYS A 158 11.06 -10.30 -3.41
C LYS A 158 11.00 -8.88 -3.98
N ALA A 159 10.23 -8.00 -3.35
CA ALA A 159 10.08 -6.62 -3.85
C ALA A 159 11.42 -5.88 -3.81
N TYR A 160 12.15 -6.07 -2.72
CA TYR A 160 13.47 -5.49 -2.58
C TYR A 160 14.43 -5.95 -3.67
N HIS A 161 14.41 -7.26 -3.96
CA HIS A 161 15.32 -7.82 -4.95
C HIS A 161 14.98 -7.29 -6.33
N ILE A 162 13.69 -7.24 -6.63
CA ILE A 162 13.20 -6.73 -7.91
C ILE A 162 13.51 -5.23 -8.09
N ALA A 163 13.27 -4.45 -7.06
CA ALA A 163 13.59 -3.02 -7.08
C ALA A 163 15.08 -2.76 -7.31
N LYS A 164 15.93 -3.63 -6.76
CA LYS A 164 17.35 -3.40 -6.82
C LYS A 164 17.89 -3.74 -8.22
N GLU A 165 17.25 -4.70 -8.89
CA GLU A 165 17.60 -5.05 -10.26
C GLU A 165 17.29 -3.92 -11.25
N MSE A 166 16.28 -3.12 -10.91
CA MSE A 166 15.88 -1.99 -11.73
C MSE A 166 16.61 -0.72 -11.34
O MSE A 166 16.33 0.36 -11.88
CB MSE A 166 14.38 -1.74 -11.61
CG MSE A 166 13.52 -2.93 -11.94
SE MSE A 166 11.66 -2.50 -11.60
CE MSE A 166 10.90 -4.20 -12.14
N ASP A 167 17.53 -0.85 -10.38
CA ASP A 167 18.28 0.27 -9.85
C ASP A 167 17.36 1.40 -9.37
N ILE A 168 16.23 1.04 -8.78
CA ILE A 168 15.38 2.00 -8.10
C ILE A 168 15.92 2.28 -6.71
N THR A 169 16.02 3.56 -6.36
CA THR A 169 16.41 3.95 -5.01
C THR A 169 15.35 3.47 -4.03
N THR A 170 15.70 2.47 -3.23
CA THR A 170 14.74 1.84 -2.33
C THR A 170 15.20 1.93 -0.88
N HIS A 171 14.24 2.12 0.03
CA HIS A 171 14.52 2.11 1.46
C HIS A 171 13.58 1.15 2.16
N VAL A 172 14.13 0.24 2.95
CA VAL A 172 13.30 -0.69 3.70
C VAL A 172 13.27 -0.26 5.17
N GLY A 173 12.08 -0.12 5.73
CA GLY A 173 12.00 0.27 7.12
C GLY A 173 10.58 0.29 7.62
N SER A 174 10.33 1.06 8.67
CA SER A 174 8.95 1.26 9.12
C SER A 174 8.37 2.49 8.45
N VAL A 175 7.04 2.49 8.32
CA VAL A 175 6.34 3.72 8.02
C VAL A 175 5.37 3.98 9.18
N LEU A 176 4.83 5.19 9.24
CA LEU A 176 3.86 5.52 10.27
C LEU A 176 2.49 5.60 9.59
N SER A 177 1.59 4.70 10.01
CA SER A 177 0.22 4.73 9.53
C SER A 177 -0.58 5.60 10.48
N SER A 178 -0.90 6.82 10.03
CA SER A 178 -1.48 7.83 10.90
C SER A 178 -3.00 7.94 10.73
N ASP A 179 -3.66 8.42 11.77
CA ASP A 179 -5.10 8.63 11.73
C ASP A 179 -5.42 10.04 11.28
N VAL A 180 -4.43 10.93 11.36
CA VAL A 180 -4.70 12.36 11.25
C VAL A 180 -3.72 12.97 10.28
N PHE A 181 -4.17 13.19 9.05
CA PHE A 181 -3.38 13.85 8.01
C PHE A 181 -3.00 15.25 8.50
N TYR A 182 -3.99 16.00 8.97
CA TYR A 182 -3.72 17.33 9.49
C TYR A 182 -3.40 17.26 10.98
N SER A 183 -2.22 16.70 11.28
CA SER A 183 -1.77 16.45 12.64
C SER A 183 -1.63 17.70 13.51
N ASN A 184 -2.03 17.60 14.77
CA ASN A 184 -1.82 18.68 15.73
C ASN A 184 -0.47 18.55 16.48
N GLN A 185 0.22 17.46 16.22
CA GLN A 185 1.56 17.22 16.79
C GLN A 185 2.55 16.76 15.70
N PRO A 186 2.91 17.67 14.77
CA PRO A 186 3.77 17.25 13.65
C PRO A 186 5.23 17.05 14.05
N ASP A 187 5.70 17.78 15.05
CA ASP A 187 7.06 17.63 15.58
C ASP A 187 7.30 16.23 16.14
N ARG A 188 6.34 15.73 16.92
CA ARG A 188 6.39 14.36 17.42
C ARG A 188 6.56 13.36 16.27
N ASN A 189 5.71 13.48 15.25
CA ASN A 189 5.83 12.63 14.07
C ASN A 189 7.21 12.71 13.43
N MSE A 190 7.72 13.94 13.28
CA MSE A 190 9.01 14.18 12.68
C MSE A 190 10.16 13.52 13.46
O MSE A 190 11.15 13.09 12.86
CB MSE A 190 9.25 15.69 12.59
CG MSE A 190 10.10 16.12 11.41
SE MSE A 190 9.11 16.02 9.73
CE MSE A 190 7.95 17.57 10.00
N ALA A 191 10.01 13.45 14.78
CA ALA A 191 11.02 12.90 15.66
C ALA A 191 11.20 11.40 15.41
N LEU A 192 10.11 10.72 15.05
CA LEU A 192 10.19 9.31 14.65
C LEU A 192 11.13 9.06 13.47
N GLY A 193 11.26 10.07 12.60
CA GLY A 193 12.09 9.94 11.39
C GLY A 193 13.56 9.73 11.70
N LYS A 194 13.97 10.09 12.91
CA LYS A 194 15.35 9.89 13.31
C LYS A 194 15.58 8.51 13.93
N LEU A 195 14.53 7.72 14.03
CA LEU A 195 14.60 6.41 14.70
C LEU A 195 14.19 5.28 13.77
N GLY A 196 14.48 5.42 12.48
CA GLY A 196 14.24 4.35 11.53
C GLY A 196 12.85 4.29 10.93
N VAL A 197 12.04 5.32 11.18
CA VAL A 197 10.71 5.40 10.58
C VAL A 197 10.76 6.36 9.40
N HIS A 198 10.55 5.81 8.21
CA HIS A 198 10.91 6.48 6.95
C HIS A 198 9.92 7.52 6.49
N ALA A 199 8.64 7.16 6.52
CA ALA A 199 7.61 7.95 5.85
C ALA A 199 6.27 7.84 6.58
N ILE A 200 5.38 8.80 6.31
CA ILE A 200 4.05 8.81 6.91
C ILE A 200 3.00 8.53 5.86
N GLU A 201 2.06 7.66 6.21
CA GLU A 201 1.05 7.18 5.30
C GLU A 201 -0.21 6.91 6.19
N MSE A 202 -1.30 6.39 5.66
CA MSE A 202 -2.48 6.21 6.46
C MSE A 202 -3.08 4.84 6.49
O MSE A 202 -4.16 4.74 6.99
CB MSE A 202 -3.56 7.20 6.05
CG MSE A 202 -3.06 8.63 6.13
SE MSE A 202 -4.39 10.05 5.92
CE MSE A 202 -5.83 9.51 7.08
N GLU A 203 -2.48 3.84 5.87
CA GLU A 203 -3.16 2.57 5.72
C GLU A 203 -2.47 1.28 6.15
N ALA A 204 -1.15 1.25 6.09
CA ALA A 204 -0.38 0.00 6.08
C ALA A 204 -0.65 -0.84 7.34
N ALA A 205 -0.66 -0.20 8.51
CA ALA A 205 -0.87 -0.94 9.76
C ALA A 205 -2.15 -1.76 9.72
N ALA A 206 -3.22 -1.17 9.17
CA ALA A 206 -4.52 -1.85 9.14
C ALA A 206 -4.45 -3.08 8.25
N LEU A 207 -3.86 -2.91 7.07
CA LEU A 207 -3.70 -4.00 6.11
C LEU A 207 -2.87 -5.13 6.74
N TYR A 208 -1.77 -4.77 7.38
CA TYR A 208 -0.89 -5.78 7.98
C TYR A 208 -1.62 -6.52 9.09
N TYR A 209 -2.44 -5.80 9.84
CA TYR A 209 -3.17 -6.38 10.94
C TYR A 209 -4.17 -7.43 10.43
N LEU A 210 -4.93 -7.08 9.40
CA LEU A 210 -5.89 -8.02 8.82
C LEU A 210 -5.17 -9.23 8.24
N ALA A 211 -4.06 -8.98 7.55
CA ALA A 211 -3.30 -10.10 6.98
C ALA A 211 -2.87 -11.07 8.09
N ALA A 212 -2.44 -10.53 9.24
CA ALA A 212 -2.01 -11.36 10.36
C ALA A 212 -3.19 -12.14 10.95
N GLN A 213 -4.32 -11.46 11.11
CA GLN A 213 -5.52 -12.11 11.65
C GLN A 213 -6.02 -13.25 10.78
N HIS A 214 -5.94 -13.08 9.47
CA HIS A 214 -6.49 -14.08 8.56
C HIS A 214 -5.40 -14.90 7.87
N ASN A 215 -4.17 -14.80 8.31
CA ASN A 215 -3.10 -15.58 7.76
C ASN A 215 -2.88 -15.49 6.25
N VAL A 216 -2.81 -14.28 5.74
CA VAL A 216 -2.58 -14.04 4.35
C VAL A 216 -1.40 -13.13 4.21
N ASN A 217 -1.04 -12.80 2.98
CA ASN A 217 0.23 -12.15 2.72
C ASN A 217 0.12 -10.73 2.20
N ALA A 218 0.67 -9.79 2.96
CA ALA A 218 0.51 -8.39 2.61
C ALA A 218 1.86 -7.70 2.58
N LEU A 219 1.95 -6.67 1.75
CA LEU A 219 3.10 -5.79 1.65
C LEU A 219 2.54 -4.43 1.31
N ALA A 220 3.15 -3.39 1.85
CA ALA A 220 2.79 -2.04 1.44
C ALA A 220 4.05 -1.34 0.92
N MSE A 221 3.89 -0.65 -0.19
CA MSE A 221 5.00 0.09 -0.77
C MSE A 221 4.50 1.46 -1.23
O MSE A 221 3.32 1.62 -1.58
CB MSE A 221 5.64 -0.68 -1.91
CG MSE A 221 4.83 -0.70 -3.20
SE MSE A 221 5.63 -1.81 -4.65
CE MSE A 221 5.89 -3.47 -3.62
N MSE A 222 5.40 2.43 -1.24
CA MSE A 222 5.04 3.79 -1.56
C MSE A 222 6.20 4.56 -2.12
O MSE A 222 7.35 4.32 -1.75
CB MSE A 222 4.53 4.48 -0.32
CG MSE A 222 5.27 3.96 0.88
SE MSE A 222 4.14 3.71 2.40
CE MSE A 222 2.78 2.56 1.59
N THR A 223 5.91 5.48 -3.02
CA THR A 223 6.93 6.45 -3.39
C THR A 223 6.73 7.72 -2.58
N ILE A 224 7.83 8.36 -2.21
CA ILE A 224 7.74 9.62 -1.52
C ILE A 224 7.29 10.71 -2.49
N SER A 225 6.14 11.32 -2.19
CA SER A 225 5.67 12.44 -3.01
C SER A 225 6.07 13.79 -2.41
N ASP A 226 6.24 13.83 -1.08
CA ASP A 226 6.61 15.06 -0.39
C ASP A 226 7.71 14.81 0.63
N ASN A 227 8.70 15.68 0.66
CA ASN A 227 9.69 15.61 1.70
C ASN A 227 9.31 16.56 2.82
N LEU A 228 8.73 16.02 3.88
CA LEU A 228 8.32 16.84 5.02
C LEU A 228 9.49 17.57 5.69
N ASN A 229 10.72 17.11 5.47
CA ASN A 229 11.91 17.80 6.01
C ASN A 229 12.38 18.93 5.11
N ASN A 230 11.99 18.89 3.84
CA ASN A 230 12.37 19.88 2.83
C ASN A 230 11.29 20.24 1.82
N PRO A 231 10.34 21.07 2.21
CA PRO A 231 9.15 21.41 1.42
C PRO A 231 9.43 21.85 -0.03
N GLU A 232 10.57 22.49 -0.29
CA GLU A 232 10.83 22.98 -1.64
C GLU A 232 11.51 21.95 -2.54
N GLU A 233 11.59 20.70 -2.07
CA GLU A 233 11.94 19.57 -2.92
C GLU A 233 10.76 19.28 -3.85
N ASP A 234 10.93 19.60 -5.13
CA ASP A 234 9.82 19.52 -6.06
C ASP A 234 9.92 18.31 -7.00
N THR A 235 8.82 18.03 -7.68
CA THR A 235 8.76 16.97 -8.68
C THR A 235 8.02 17.38 -9.96
N SER A 236 8.31 16.69 -11.06
CA SER A 236 7.96 17.13 -12.41
C SER A 236 6.82 16.47 -13.20
N ALA A 237 5.98 15.66 -12.58
CA ALA A 237 4.84 15.12 -13.30
C ALA A 237 5.20 14.05 -14.32
N GLU A 238 6.03 14.38 -15.30
CA GLU A 238 6.52 13.35 -16.19
C GLU A 238 7.38 12.39 -15.39
N GLU A 239 8.22 12.97 -14.57
CA GLU A 239 9.03 12.23 -13.58
C GLU A 239 8.12 11.47 -12.63
N ARG A 240 6.98 12.09 -12.32
CA ARG A 240 5.96 11.52 -11.47
C ARG A 240 5.34 10.27 -12.11
N GLN A 241 5.40 10.15 -13.43
CA GLN A 241 4.81 8.99 -14.10
C GLN A 241 5.84 7.91 -14.41
N THR A 242 7.11 8.30 -14.52
CA THR A 242 8.18 7.32 -14.60
C THR A 242 8.27 6.56 -13.27
N THR A 243 8.34 7.31 -12.18
CA THR A 243 8.41 6.74 -10.84
C THR A 243 7.24 5.80 -10.56
N PHE A 244 6.04 6.25 -10.90
CA PHE A 244 4.85 5.44 -10.76
C PHE A 244 4.93 4.16 -11.60
N THR A 245 5.38 4.29 -12.84
CA THR A 245 5.61 3.12 -13.66
C THR A 245 6.62 2.17 -13.02
N ASP A 246 7.73 2.72 -12.52
CA ASP A 246 8.73 1.92 -11.78
C ASP A 246 8.09 1.13 -10.63
N MSE A 247 7.25 1.81 -9.85
CA MSE A 247 6.69 1.20 -8.67
C MSE A 247 5.70 0.11 -9.05
O MSE A 247 5.70 -0.98 -8.45
CB MSE A 247 6.01 2.23 -7.79
CG MSE A 247 5.31 1.59 -6.60
SE MSE A 247 4.47 2.85 -5.37
CE MSE A 247 3.14 3.65 -6.60
N MSE A 248 4.85 0.42 -10.02
CA MSE A 248 3.93 -0.55 -10.60
C MSE A 248 4.58 -1.87 -10.99
O MSE A 248 4.05 -2.94 -10.68
CB MSE A 248 3.21 0.04 -11.81
CG MSE A 248 2.02 0.89 -11.44
SE MSE A 248 1.04 0.07 -9.96
CE MSE A 248 1.32 1.41 -8.61
N LYS A 249 5.75 -1.81 -11.63
CA LYS A 249 6.37 -3.06 -12.04
C LYS A 249 6.96 -3.81 -10.84
N VAL A 250 7.56 -3.11 -9.88
CA VAL A 250 7.94 -3.75 -8.63
C VAL A 250 6.70 -4.40 -8.01
N GLY A 251 5.63 -3.62 -7.87
CA GLY A 251 4.37 -4.11 -7.33
C GLY A 251 3.81 -5.33 -8.06
N LEU A 252 3.72 -5.28 -9.39
CA LEU A 252 3.13 -6.36 -10.18
C LEU A 252 4.00 -7.63 -10.24
N GLU A 253 5.31 -7.46 -10.44
CA GLU A 253 6.24 -8.59 -10.38
C GLU A 253 6.25 -9.26 -8.98
N THR A 254 6.19 -8.45 -7.93
CA THR A 254 6.10 -9.02 -6.59
C THR A 254 4.80 -9.79 -6.43
N LEU A 255 3.70 -9.22 -6.94
CA LEU A 255 2.37 -9.81 -6.76
C LEU A 255 2.25 -11.18 -7.40
N ILE A 256 2.86 -11.35 -8.57
CA ILE A 256 2.69 -12.60 -9.33
C ILE A 256 3.82 -13.59 -9.10
N SER A 257 4.81 -13.25 -8.27
CA SER A 257 5.91 -14.17 -7.98
C SER A 257 5.43 -15.29 -7.07
N GLU A 258 5.83 -16.52 -7.38
CA GLU A 258 5.40 -17.67 -6.59
C GLU A 258 6.56 -18.65 -6.39
S SO4 B . -2.67 6.85 -1.51
O1 SO4 B . -1.55 6.69 -0.59
O2 SO4 B . -2.45 8.03 -2.35
O3 SO4 B . -2.78 5.67 -2.36
O4 SO4 B . -3.91 6.99 -0.75
S SO4 C . -3.41 -17.49 -12.68
O1 SO4 C . -2.77 -17.13 -11.41
O2 SO4 C . -3.83 -16.28 -13.38
O3 SO4 C . -2.45 -18.21 -13.51
O4 SO4 C . -4.58 -18.32 -12.42
S SO4 D . 13.79 10.26 -14.83
O1 SO4 D . 14.89 11.04 -14.25
O2 SO4 D . 12.81 11.16 -15.42
O3 SO4 D . 13.16 9.48 -13.77
O4 SO4 D . 14.32 9.34 -15.83
#